data_5MYQ
#
_entry.id   5MYQ
#
_cell.length_a   43.933
_cell.length_b   82.081
_cell.length_c   74.601
_cell.angle_alpha   90.00
_cell.angle_beta   106.29
_cell.angle_gamma   90.00
#
_symmetry.space_group_name_H-M   'P 1 21 1'
#
loop_
_entity.id
_entity.type
_entity.pdbx_description
1 polymer Avidin
2 non-polymer 'ferrocene homobiotin derivative'
3 non-polymer 2-acetamido-2-deoxy-beta-D-glucopyranose
4 non-polymer 'IODIDE ION'
5 water water
#
_entity_poly.entity_id   1
_entity_poly.type   'polypeptide(L)'
_entity_poly.pdbx_seq_one_letter_code
;ARKCSLTGKWTNDLGSNMTIGAVNSRGEFTGTYTTAVTATSNEIKESPLHGTQNTINKRTQPTFGFTVNWKFSESTTVFT
GQCFIDRNGKEVLKTMWLLRSSVNDIGDDWKATRVGINIFTRLRTQKE
;
_entity_poly.pdbx_strand_id   A,B,C,D
#
# COMPACT_ATOMS: atom_id res chain seq x y z
N ARG A 2 21.79 22.62 6.68
CA ARG A 2 20.74 22.49 7.76
C ARG A 2 19.46 21.82 7.26
N LYS A 3 18.80 22.47 6.30
CA LYS A 3 17.57 21.96 5.72
C LYS A 3 17.91 20.83 4.74
N CYS A 4 17.34 19.63 4.96
CA CYS A 4 17.60 18.42 4.12
C CYS A 4 17.19 18.80 2.74
N SER A 5 18.06 18.51 1.78
CA SER A 5 17.85 18.89 0.38
C SER A 5 17.83 17.69 -0.57
N LEU A 6 16.84 17.69 -1.45
CA LEU A 6 16.66 16.61 -2.39
C LEU A 6 17.66 16.64 -3.53
N THR A 7 18.22 17.82 -3.81
CA THR A 7 19.17 17.98 -4.88
C THR A 7 20.37 17.06 -4.74
N GLY A 8 20.75 16.38 -5.83
CA GLY A 8 21.99 15.63 -5.83
C GLY A 8 21.89 14.29 -6.47
N LYS A 9 22.96 13.51 -6.28
CA LYS A 9 23.05 12.13 -6.75
C LYS A 9 22.76 11.19 -5.52
N TRP A 10 21.95 10.16 -5.74
CA TRP A 10 21.45 9.24 -4.70
C TRP A 10 21.47 7.87 -5.21
N THR A 11 21.57 6.87 -4.31
CA THR A 11 21.49 5.45 -4.66
C THR A 11 20.55 4.84 -3.60
N ASN A 12 19.91 3.74 -3.95
CA ASN A 12 19.02 3.03 -3.00
C ASN A 12 19.46 1.63 -2.67
N ASP A 13 18.71 1.02 -1.74
CA ASP A 13 18.92 -0.30 -1.26
C ASP A 13 18.90 -1.41 -2.34
N LEU A 14 18.34 -1.15 -3.50
CA LEU A 14 18.37 -2.14 -4.59
C LEU A 14 19.53 -1.87 -5.59
N GLY A 15 20.23 -0.77 -5.42
CA GLY A 15 21.30 -0.38 -6.32
C GLY A 15 20.89 0.55 -7.42
N SER A 16 19.64 1.02 -7.41
CA SER A 16 19.20 2.03 -8.34
C SER A 16 19.80 3.41 -8.01
N ASN A 17 20.12 4.17 -9.05
CA ASN A 17 20.58 5.53 -8.90
C ASN A 17 19.56 6.53 -9.43
N MET A 18 19.55 7.69 -8.79
CA MET A 18 18.83 8.82 -9.34
C MET A 18 19.60 10.14 -9.17
N THR A 19 19.21 11.09 -10.00
CA THR A 19 19.71 12.45 -9.86
C THR A 19 18.53 13.34 -9.71
N ILE A 20 18.69 14.35 -8.84
CA ILE A 20 17.71 15.41 -8.70
C ILE A 20 18.44 16.75 -8.79
N GLY A 21 17.86 17.63 -9.60
CA GLY A 21 18.37 18.95 -9.84
C GLY A 21 17.84 19.95 -8.80
N ALA A 22 18.09 21.20 -9.08
CA ALA A 22 17.69 22.35 -8.27
C ALA A 22 16.20 22.39 -8.03
N VAL A 23 15.79 22.82 -6.86
CA VAL A 23 14.36 22.87 -6.51
C VAL A 23 13.99 24.32 -6.63
N ASN A 24 12.94 24.66 -7.37
CA ASN A 24 12.58 26.04 -7.56
C ASN A 24 11.82 26.55 -6.33
N SER A 25 11.36 27.78 -6.41
CA SER A 25 10.69 28.44 -5.30
C SER A 25 9.31 27.82 -5.02
N ARG A 26 8.76 27.06 -5.97
CA ARG A 26 7.49 26.35 -5.75
C ARG A 26 7.69 24.89 -5.36
N GLY A 27 8.93 24.53 -5.03
CA GLY A 27 9.23 23.25 -4.45
C GLY A 27 9.33 22.20 -5.53
N GLU A 28 9.31 22.58 -6.83
CA GLU A 28 9.34 21.67 -7.97
C GLU A 28 10.75 21.27 -8.44
N PHE A 29 10.93 20.01 -8.86
CA PHE A 29 12.23 19.53 -9.31
C PHE A 29 12.07 18.53 -10.44
N THR A 30 13.14 18.37 -11.18
CA THR A 30 13.22 17.32 -12.17
C THR A 30 14.42 16.46 -11.87
N GLY A 31 14.48 15.30 -12.52
CA GLY A 31 15.55 14.39 -12.28
C GLY A 31 15.64 13.27 -13.29
N THR A 32 16.51 12.30 -12.94
CA THR A 32 16.69 11.10 -13.71
C THR A 32 16.73 9.89 -12.80
N TYR A 33 16.36 8.74 -13.33
CA TYR A 33 16.25 7.52 -12.53
C TYR A 33 16.78 6.30 -13.36
N THR A 34 17.76 5.59 -12.81
CA THR A 34 18.33 4.39 -13.40
C THR A 34 18.12 3.25 -12.39
N THR A 35 17.11 2.45 -12.67
CA THR A 35 16.82 1.26 -11.93
C THR A 35 17.81 0.16 -12.18
N ALA A 36 18.22 -0.51 -11.12
CA ALA A 36 19.08 -1.68 -11.20
C ALA A 36 18.29 -2.94 -11.50
N VAL A 37 16.98 -2.91 -11.34
CA VAL A 37 16.12 -4.13 -11.47
C VAL A 37 14.96 -3.85 -12.45
N THR A 38 14.64 -4.84 -13.24
CA THR A 38 13.40 -4.87 -14.02
C THR A 38 12.90 -6.32 -14.01
N ALA A 39 11.90 -6.61 -14.85
CA ALA A 39 11.36 -7.96 -15.06
C ALA A 39 10.85 -8.23 -16.50
N THR A 40 11.37 -7.49 -17.49
CA THR A 40 11.27 -7.93 -18.88
C THR A 40 12.61 -7.83 -19.61
N SER A 41 12.66 -8.32 -20.86
CA SER A 41 13.90 -8.26 -21.67
C SER A 41 14.12 -6.91 -22.33
N ASN A 42 13.20 -5.96 -22.14
CA ASN A 42 13.48 -4.59 -22.63
C ASN A 42 14.68 -4.03 -21.90
N GLU A 43 15.67 -3.50 -22.63
CA GLU A 43 16.84 -2.88 -21.95
C GLU A 43 16.41 -1.72 -21.01
N ILE A 44 16.97 -1.68 -19.79
CA ILE A 44 16.73 -0.60 -18.84
C ILE A 44 17.36 0.60 -19.48
N LYS A 45 16.64 1.72 -19.43
CA LYS A 45 17.10 3.00 -19.96
C LYS A 45 16.83 4.02 -18.88
N GLU A 46 17.78 4.93 -18.68
CA GLU A 46 17.49 6.06 -17.74
C GLU A 46 16.23 6.79 -18.15
N SER A 47 15.45 7.16 -17.13
CA SER A 47 14.12 7.68 -17.32
C SER A 47 13.97 8.96 -16.48
N PRO A 48 13.21 9.93 -16.99
CA PRO A 48 12.97 11.22 -16.28
C PRO A 48 12.05 11.07 -15.11
N LEU A 49 12.24 11.94 -14.14
CA LEU A 49 11.33 12.11 -13.07
C LEU A 49 10.98 13.59 -12.88
N HIS A 50 9.78 13.77 -12.31
CA HIS A 50 9.33 15.10 -11.93
C HIS A 50 8.60 15.03 -10.61
N GLY A 51 8.85 16.01 -9.75
CA GLY A 51 8.26 15.99 -8.39
C GLY A 51 8.17 17.34 -7.74
N THR A 52 7.68 17.31 -6.49
CA THR A 52 7.70 18.52 -5.64
C THR A 52 8.03 18.17 -4.21
N GLN A 53 8.53 19.14 -3.47
CA GLN A 53 8.74 18.95 -2.04
C GLN A 53 7.86 19.98 -1.39
N ASN A 54 7.40 19.66 -0.18
CA ASN A 54 6.58 20.56 0.61
C ASN A 54 7.42 21.22 1.72
N THR A 55 7.50 22.53 1.76
CA THR A 55 8.26 23.13 2.88
C THR A 55 7.44 24.14 3.68
N ILE A 56 6.13 23.92 3.72
CA ILE A 56 5.21 24.75 4.52
C ILE A 56 5.83 25.04 5.86
N ASN A 57 5.78 26.30 6.28
CA ASN A 57 6.31 26.82 7.58
C ASN A 57 7.76 26.34 7.92
N LYS A 58 8.65 26.41 6.91
CA LYS A 58 10.11 26.15 7.06
C LYS A 58 10.44 24.78 7.68
N ARG A 59 9.89 23.74 7.09
CA ARG A 59 10.28 22.39 7.52
C ARG A 59 11.71 22.11 7.10
N THR A 60 12.50 21.64 8.06
CA THR A 60 13.86 21.26 7.79
C THR A 60 13.97 19.88 7.10
N GLN A 61 12.90 19.06 7.20
CA GLN A 61 12.84 17.71 6.67
C GLN A 61 11.54 17.62 5.86
N PRO A 62 11.53 18.21 4.67
CA PRO A 62 10.29 18.21 3.85
C PRO A 62 9.79 16.83 3.42
N THR A 63 8.45 16.67 3.35
CA THR A 63 7.85 15.60 2.58
C THR A 63 7.98 15.95 1.08
N PHE A 64 7.90 14.94 0.25
CA PHE A 64 7.98 15.10 -1.18
C PHE A 64 7.36 13.96 -1.89
N GLY A 65 7.24 14.11 -3.21
CA GLY A 65 6.82 13.01 -4.04
C GLY A 65 7.29 13.24 -5.43
N PHE A 66 7.48 12.18 -6.16
CA PHE A 66 7.80 12.33 -7.53
C PHE A 66 7.29 11.15 -8.32
N THR A 67 7.22 11.38 -9.63
CA THR A 67 6.75 10.40 -10.55
C THR A 67 7.88 10.01 -11.52
N VAL A 68 8.15 8.70 -11.72
CA VAL A 68 9.13 8.21 -12.73
C VAL A 68 8.43 7.68 -13.97
N ASN A 69 8.78 8.32 -15.10
CA ASN A 69 8.17 8.11 -16.34
C ASN A 69 9.04 7.19 -17.10
N TRP A 70 8.85 5.88 -16.90
CA TRP A 70 9.73 4.83 -17.46
C TRP A 70 9.78 4.83 -19.02
N LYS A 71 10.98 4.78 -19.58
CA LYS A 71 11.11 4.92 -21.02
C LYS A 71 11.29 3.54 -21.67
N PHE A 72 11.20 2.46 -20.90
CA PHE A 72 11.37 1.12 -21.46
C PHE A 72 10.25 0.16 -20.99
N SER A 73 9.20 0.70 -20.38
CA SER A 73 8.04 0.01 -19.86
C SER A 73 6.78 0.85 -20.12
N GLU A 74 5.59 0.27 -20.08
CA GLU A 74 4.41 1.04 -20.22
C GLU A 74 3.92 1.47 -18.80
N SER A 75 4.62 0.97 -17.79
CA SER A 75 4.28 1.27 -16.36
C SER A 75 4.69 2.69 -15.89
N THR A 76 4.18 3.03 -14.68
CA THR A 76 4.51 4.19 -14.02
C THR A 76 4.78 3.85 -12.57
N THR A 77 5.81 4.52 -12.00
CA THR A 77 6.04 4.49 -10.57
C THR A 77 5.98 5.89 -9.91
N VAL A 78 5.31 5.96 -8.77
CA VAL A 78 5.37 7.16 -7.94
C VAL A 78 6.05 6.84 -6.62
N PHE A 79 6.79 7.81 -6.05
CA PHE A 79 7.55 7.64 -4.80
C PHE A 79 7.07 8.81 -3.92
N THR A 80 6.86 8.59 -2.65
CA THR A 80 6.59 9.69 -1.71
C THR A 80 7.35 9.41 -0.45
N GLY A 81 7.93 10.46 0.20
CA GLY A 81 8.52 10.21 1.46
C GLY A 81 8.98 11.52 2.11
N GLN A 82 10.00 11.40 2.91
CA GLN A 82 10.56 12.53 3.64
C GLN A 82 12.07 12.47 3.62
N CYS A 83 12.69 13.65 3.68
CA CYS A 83 14.11 13.84 3.62
C CYS A 83 14.55 14.01 5.04
N PHE A 84 15.29 13.05 5.60
CA PHE A 84 15.75 13.15 6.95
C PHE A 84 17.22 13.52 6.99
N ILE A 85 17.57 14.35 7.95
CA ILE A 85 18.96 14.67 8.16
C ILE A 85 19.30 13.94 9.47
N ASP A 86 20.15 12.91 9.41
CA ASP A 86 20.67 12.27 10.62
C ASP A 86 21.64 13.19 11.32
N ARG A 87 22.01 12.82 12.54
CA ARG A 87 22.66 13.78 13.44
C ARG A 87 24.18 13.90 13.19
N ASN A 88 24.65 13.26 12.11
CA ASN A 88 25.98 13.50 11.58
C ASN A 88 25.93 14.32 10.30
N GLY A 89 24.76 14.88 10.01
CA GLY A 89 24.55 15.68 8.82
C GLY A 89 24.51 14.86 7.55
N LYS A 90 24.25 13.55 7.65
CA LYS A 90 24.04 12.73 6.44
C LYS A 90 22.53 12.58 6.15
N GLU A 91 22.15 12.86 4.91
CA GLU A 91 20.75 12.86 4.51
C GLU A 91 20.31 11.43 4.12
N VAL A 92 19.03 11.14 4.34
CA VAL A 92 18.43 9.89 3.88
C VAL A 92 17.02 10.19 3.42
N LEU A 93 16.62 9.60 2.31
CA LEU A 93 15.24 9.69 1.84
C LEU A 93 14.61 8.36 2.17
N LYS A 94 13.60 8.42 3.02
CA LYS A 94 12.78 7.25 3.40
C LYS A 94 11.56 7.34 2.54
N THR A 95 11.41 6.38 1.58
CA THR A 95 10.35 6.44 0.60
C THR A 95 9.51 5.14 0.58
N MET A 96 8.26 5.32 0.13
CA MET A 96 7.46 4.23 -0.31
C MET A 96 7.02 4.52 -1.72
N TRP A 97 6.71 3.48 -2.51
CA TRP A 97 6.29 3.64 -3.91
C TRP A 97 5.09 2.79 -4.27
N LEU A 98 4.33 3.23 -5.26
CA LEU A 98 3.36 2.45 -6.02
C LEU A 98 3.85 2.35 -7.48
N LEU A 99 3.86 1.10 -7.99
CA LEU A 99 4.24 0.83 -9.40
C LEU A 99 3.00 0.30 -10.07
N ARG A 100 2.50 1.12 -10.97
CA ARG A 100 1.30 0.81 -11.76
C ARG A 100 1.69 0.17 -13.09
N SER A 101 1.28 -1.06 -13.27
CA SER A 101 1.43 -1.76 -14.52
C SER A 101 0.24 -1.41 -15.49
N SER A 102 0.42 -1.63 -16.78
CA SER A 102 -0.62 -1.43 -17.77
C SER A 102 -1.39 -2.72 -17.91
N VAL A 103 -2.72 -2.68 -17.81
CA VAL A 103 -3.48 -3.85 -18.09
C VAL A 103 -4.36 -3.56 -19.26
N ASN A 104 -4.83 -4.63 -19.90
CA ASN A 104 -5.59 -4.45 -21.13
C ASN A 104 -7.07 -4.04 -20.95
N ASP A 105 -7.63 -4.47 -19.83
CA ASP A 105 -9.08 -4.44 -19.62
C ASP A 105 -9.32 -3.94 -18.23
N ILE A 106 -10.33 -3.09 -18.10
CA ILE A 106 -10.59 -2.52 -16.79
C ILE A 106 -10.92 -3.60 -15.78
N GLY A 107 -11.44 -4.73 -16.23
CA GLY A 107 -11.68 -5.86 -15.34
C GLY A 107 -10.45 -6.42 -14.65
N ASP A 108 -9.26 -6.16 -15.20
CA ASP A 108 -7.99 -6.56 -14.56
C ASP A 108 -7.28 -5.51 -13.73
N ASP A 109 -7.93 -4.38 -13.49
CA ASP A 109 -7.36 -3.29 -12.76
C ASP A 109 -6.94 -3.68 -11.35
N TRP A 110 -7.70 -4.56 -10.72
CA TRP A 110 -7.40 -4.96 -9.34
C TRP A 110 -5.96 -5.42 -9.05
N LYS A 111 -5.39 -6.12 -10.02
CA LYS A 111 -4.03 -6.66 -9.90
C LYS A 111 -2.89 -5.77 -10.45
N ALA A 112 -3.18 -4.55 -10.85
CA ALA A 112 -2.20 -3.67 -11.51
C ALA A 112 -1.22 -2.84 -10.66
N THR A 113 -1.29 -2.86 -9.33
CA THR A 113 -0.55 -1.88 -8.54
C THR A 113 0.28 -2.59 -7.48
N ARG A 114 1.60 -2.55 -7.63
CA ARG A 114 2.53 -3.04 -6.61
C ARG A 114 2.98 -1.91 -5.66
N VAL A 115 3.44 -2.34 -4.52
CA VAL A 115 3.83 -1.42 -3.42
C VAL A 115 5.16 -1.89 -2.87
N GLY A 116 5.99 -0.96 -2.48
CA GLY A 116 7.21 -1.27 -1.76
C GLY A 116 7.86 -0.07 -1.12
N ILE A 117 9.08 -0.25 -0.64
CA ILE A 117 9.84 0.81 0.00
C ILE A 117 11.21 0.96 -0.68
N ASN A 118 11.81 2.12 -0.54
CA ASN A 118 13.24 2.35 -0.89
C ASN A 118 13.80 3.39 0.06
N ILE A 119 15.06 3.20 0.46
CA ILE A 119 15.83 4.10 1.25
C ILE A 119 16.98 4.56 0.35
N PHE A 120 17.07 5.87 0.18
CA PHE A 120 18.13 6.47 -0.62
C PHE A 120 19.18 7.17 0.24
N THR A 121 20.44 7.02 -0.14
CA THR A 121 21.52 7.80 0.47
C THR A 121 22.38 8.42 -0.65
N ARG A 122 23.16 9.42 -0.27
CA ARG A 122 23.96 10.19 -1.25
C ARG A 122 25.12 9.40 -1.78
N LEU A 123 25.44 9.64 -3.06
CA LEU A 123 26.34 8.80 -3.82
C LEU A 123 27.49 9.65 -4.33
N ARG B 2 -11.12 5.49 -29.21
CA ARG B 2 -10.33 6.72 -28.94
C ARG B 2 -9.25 6.49 -27.89
N LYS B 3 -8.41 7.51 -27.69
CA LYS B 3 -7.42 7.49 -26.65
C LYS B 3 -8.06 8.16 -25.43
N CYS B 4 -7.69 7.69 -24.24
CA CYS B 4 -8.26 8.16 -22.98
C CYS B 4 -7.21 9.19 -22.58
N SER B 5 -7.69 10.42 -22.40
CA SER B 5 -6.85 11.57 -22.19
C SER B 5 -7.10 12.17 -20.84
N LEU B 6 -6.05 12.68 -20.22
CA LEU B 6 -6.10 13.18 -18.90
C LEU B 6 -6.60 14.59 -18.83
N THR B 7 -6.53 15.33 -19.96
CA THR B 7 -6.73 16.75 -19.90
C THR B 7 -8.16 16.95 -19.60
N GLY B 8 -8.43 17.90 -18.71
CA GLY B 8 -9.83 18.21 -18.43
C GLY B 8 -10.16 18.25 -16.96
N LYS B 9 -11.43 18.29 -16.64
CA LYS B 9 -11.88 18.48 -15.27
C LYS B 9 -12.49 17.18 -14.80
N TRP B 10 -12.10 16.78 -13.59
CA TRP B 10 -12.44 15.45 -13.04
C TRP B 10 -13.00 15.61 -11.55
N THR B 11 -13.80 14.65 -11.11
CA THR B 11 -14.26 14.53 -9.74
C THR B 11 -14.09 13.06 -9.29
N ASN B 12 -13.89 12.83 -8.00
CA ASN B 12 -13.66 11.44 -7.51
C ASN B 12 -14.73 11.03 -6.59
N ASP B 13 -14.70 9.75 -6.19
CA ASP B 13 -15.70 9.20 -5.22
C ASP B 13 -15.79 9.89 -3.88
N LEU B 14 -14.84 10.69 -3.54
CA LEU B 14 -14.90 11.45 -2.26
C LEU B 14 -15.48 12.82 -2.41
N GLY B 15 -15.74 13.20 -3.67
CA GLY B 15 -16.29 14.51 -4.02
C GLY B 15 -15.14 15.48 -4.37
N SER B 16 -13.87 15.01 -4.35
CA SER B 16 -12.76 15.93 -4.60
C SER B 16 -12.76 16.28 -6.07
N ASN B 17 -12.25 17.48 -6.42
CA ASN B 17 -12.10 17.88 -7.80
C ASN B 17 -10.63 18.04 -8.22
N MET B 18 -10.34 17.75 -9.49
CA MET B 18 -9.05 18.22 -10.08
C MET B 18 -9.10 18.60 -11.57
N THR B 19 -8.22 19.53 -11.97
CA THR B 19 -8.16 19.93 -13.36
C THR B 19 -6.74 19.69 -13.88
N ILE B 20 -6.67 19.00 -15.01
CA ILE B 20 -5.40 18.71 -15.63
C ILE B 20 -5.33 19.49 -16.91
N GLY B 21 -4.19 20.14 -17.11
CA GLY B 21 -3.94 20.96 -18.28
C GLY B 21 -3.53 20.08 -19.44
N ALA B 22 -3.08 20.72 -20.52
CA ALA B 22 -2.50 20.02 -21.67
C ALA B 22 -1.36 19.04 -21.26
N VAL B 23 -1.31 17.90 -21.95
CA VAL B 23 -0.20 16.96 -21.87
C VAL B 23 0.79 17.25 -23.01
N ASN B 24 2.06 17.50 -22.70
CA ASN B 24 3.01 17.86 -23.72
C ASN B 24 3.50 16.60 -24.45
N SER B 25 4.37 16.75 -25.44
CA SER B 25 4.92 15.58 -26.18
C SER B 25 5.76 14.63 -25.30
N ARG B 26 6.17 15.09 -24.13
CA ARG B 26 6.92 14.25 -23.22
C ARG B 26 6.02 13.61 -22.15
N GLY B 27 4.71 13.83 -22.21
CA GLY B 27 3.81 13.24 -21.26
C GLY B 27 3.61 14.08 -19.99
N GLU B 28 4.21 15.29 -19.92
CA GLU B 28 4.16 16.09 -18.70
C GLU B 28 2.90 16.93 -18.66
N PHE B 29 2.33 17.04 -17.48
CA PHE B 29 1.19 17.90 -17.28
C PHE B 29 1.29 18.56 -15.91
N THR B 30 0.51 19.64 -15.78
CA THR B 30 0.28 20.26 -14.50
C THR B 30 -1.17 20.39 -14.26
N GLY B 31 -1.52 20.67 -13.02
CA GLY B 31 -2.93 20.86 -12.69
C GLY B 31 -3.19 21.46 -11.35
N THR B 32 -4.48 21.46 -10.98
CA THR B 32 -4.91 21.85 -9.64
C THR B 32 -5.81 20.79 -9.04
N TYR B 33 -5.87 20.73 -7.71
CA TYR B 33 -6.59 19.70 -6.96
C TYR B 33 -7.31 20.36 -5.76
N THR B 34 -8.61 20.15 -5.70
CA THR B 34 -9.47 20.62 -4.63
C THR B 34 -10.09 19.41 -3.92
N THR B 35 -9.46 19.05 -2.80
CA THR B 35 -9.87 17.91 -2.03
C THR B 35 -11.19 18.26 -1.31
N ALA B 36 -12.10 17.28 -1.25
CA ALA B 36 -13.35 17.42 -0.48
C ALA B 36 -13.14 17.05 0.97
N VAL B 37 -12.05 16.35 1.27
CA VAL B 37 -11.80 15.80 2.61
C VAL B 37 -10.43 16.22 3.10
N THR B 38 -10.37 16.39 4.43
CA THR B 38 -9.18 16.60 5.19
C THR B 38 -9.39 16.08 6.62
N ALA B 39 -8.36 16.21 7.43
CA ALA B 39 -8.44 15.93 8.88
C ALA B 39 -7.64 16.96 9.63
N THR B 40 -7.60 18.18 9.09
CA THR B 40 -6.82 19.27 9.70
C THR B 40 -7.79 20.30 10.31
N SER B 41 -7.30 21.06 11.29
CA SER B 41 -7.99 22.30 11.73
C SER B 41 -7.85 23.42 10.70
N ASN B 42 -7.02 23.19 9.69
CA ASN B 42 -6.75 24.16 8.66
C ASN B 42 -7.70 23.97 7.48
N GLU B 43 -8.31 25.06 7.01
CA GLU B 43 -9.18 25.04 5.85
C GLU B 43 -8.45 24.51 4.59
N ILE B 44 -9.16 23.67 3.86
CA ILE B 44 -8.75 23.21 2.53
C ILE B 44 -8.52 24.43 1.63
N LYS B 45 -7.47 24.35 0.78
CA LYS B 45 -7.21 25.32 -0.28
C LYS B 45 -6.85 24.54 -1.53
N GLU B 46 -7.34 24.94 -2.67
CA GLU B 46 -6.86 24.43 -3.97
C GLU B 46 -5.32 24.30 -4.03
N SER B 47 -4.79 23.14 -4.50
CA SER B 47 -3.34 22.89 -4.50
C SER B 47 -2.84 22.44 -5.86
N PRO B 48 -1.56 22.67 -6.14
CA PRO B 48 -1.04 22.31 -7.47
C PRO B 48 -0.71 20.83 -7.56
N LEU B 49 -0.84 20.29 -8.76
CA LEU B 49 -0.32 18.95 -9.02
C LEU B 49 0.62 19.01 -10.31
N HIS B 50 1.59 18.07 -10.38
CA HIS B 50 2.48 17.87 -11.50
C HIS B 50 2.70 16.42 -11.67
N GLY B 51 2.71 16.00 -12.91
CA GLY B 51 2.83 14.59 -13.23
C GLY B 51 3.22 14.29 -14.69
N THR B 52 3.17 13.01 -15.01
CA THR B 52 3.45 12.45 -16.34
C THR B 52 2.52 11.32 -16.68
N GLN B 53 2.27 11.21 -17.96
CA GLN B 53 1.57 10.11 -18.56
C GLN B 53 2.62 9.33 -19.37
N ASN B 54 2.55 8.03 -19.29
CA ASN B 54 3.48 7.19 -19.95
C ASN B 54 3.11 7.12 -21.44
N THR B 55 4.11 7.35 -22.31
CA THR B 55 3.89 7.43 -23.73
C THR B 55 4.45 6.25 -24.51
N ILE B 56 4.96 5.22 -23.82
CA ILE B 56 5.59 4.07 -24.49
C ILE B 56 4.51 3.24 -25.17
N ASN B 57 4.77 2.92 -26.43
CA ASN B 57 3.78 2.39 -27.36
C ASN B 57 2.54 3.19 -27.66
N LYS B 58 2.53 4.44 -27.16
CA LYS B 58 1.42 5.39 -27.37
C LYS B 58 0.04 4.77 -27.01
N ARG B 59 -0.04 4.11 -25.87
CA ARG B 59 -1.24 3.31 -25.55
C ARG B 59 -2.47 4.16 -25.44
N THR B 60 -3.62 3.61 -25.83
CA THR B 60 -4.89 4.32 -25.76
C THR B 60 -5.39 4.45 -24.30
N GLN B 61 -4.94 3.56 -23.41
CA GLN B 61 -5.31 3.68 -22.02
C GLN B 61 -4.02 3.75 -21.25
N PRO B 62 -3.36 4.91 -21.30
CA PRO B 62 -2.06 5.03 -20.62
C PRO B 62 -2.06 5.02 -19.10
N THR B 63 -0.95 4.56 -18.53
CA THR B 63 -0.62 4.79 -17.11
C THR B 63 -0.11 6.22 -16.89
N PHE B 64 -0.15 6.64 -15.67
CA PHE B 64 0.31 7.99 -15.35
C PHE B 64 0.52 8.06 -13.85
N GLY B 65 1.18 9.10 -13.40
CA GLY B 65 1.25 9.48 -11.96
C GLY B 65 1.39 10.93 -11.80
N PHE B 66 1.10 11.39 -10.56
CA PHE B 66 1.27 12.79 -10.26
C PHE B 66 1.37 13.02 -8.76
N THR B 67 1.97 14.16 -8.42
CA THR B 67 2.19 14.54 -7.03
C THR B 67 1.39 15.78 -6.76
N VAL B 68 0.66 15.78 -5.65
CA VAL B 68 -0.08 16.96 -5.15
C VAL B 68 0.62 17.54 -3.95
N ASN B 69 1.07 18.78 -4.14
CA ASN B 69 1.80 19.58 -3.20
C ASN B 69 0.87 20.51 -2.42
N TRP B 70 0.33 19.97 -1.34
CA TRP B 70 -0.76 20.60 -0.62
C TRP B 70 -0.35 21.94 -0.01
N LYS B 71 -1.21 22.94 -0.14
CA LYS B 71 -0.90 24.32 0.23
C LYS B 71 -1.21 24.54 1.70
N PHE B 72 -1.92 23.60 2.31
CA PHE B 72 -2.49 23.85 3.63
C PHE B 72 -2.07 22.74 4.60
N SER B 73 -1.22 21.81 4.18
CA SER B 73 -0.75 20.71 5.03
C SER B 73 0.72 20.52 4.72
N GLU B 74 1.45 19.94 5.66
CA GLU B 74 2.84 19.59 5.43
C GLU B 74 3.03 18.25 4.71
N SER B 75 1.91 17.64 4.35
CA SER B 75 1.89 16.33 3.72
C SER B 75 2.07 16.45 2.27
N THR B 76 2.39 15.30 1.63
CA THR B 76 2.42 15.13 0.16
C THR B 76 1.57 13.95 -0.22
N THR B 77 0.81 14.01 -1.34
CA THR B 77 0.14 12.84 -1.84
C THR B 77 0.61 12.56 -3.26
N VAL B 78 0.87 11.30 -3.55
CA VAL B 78 1.10 10.84 -4.90
C VAL B 78 0.00 9.88 -5.34
N PHE B 79 -0.39 10.00 -6.61
CA PHE B 79 -1.43 9.18 -7.25
C PHE B 79 -0.80 8.50 -8.47
N THR B 80 -1.10 7.22 -8.67
CA THR B 80 -0.72 6.50 -9.92
C THR B 80 -1.93 5.67 -10.39
N GLY B 81 -2.13 5.59 -11.71
CA GLY B 81 -3.26 4.93 -12.22
C GLY B 81 -3.19 4.70 -13.69
N GLN B 82 -4.34 4.37 -14.22
CA GLN B 82 -4.58 4.18 -15.64
C GLN B 82 -5.94 4.81 -16.03
N CYS B 83 -5.97 5.48 -17.20
CA CYS B 83 -7.13 6.06 -17.82
C CYS B 83 -7.74 4.97 -18.74
N PHE B 84 -8.96 4.49 -18.44
CA PHE B 84 -9.65 3.47 -19.23
C PHE B 84 -10.87 4.08 -19.89
N ILE B 85 -11.22 3.53 -21.00
CA ILE B 85 -12.59 3.63 -21.51
C ILE B 85 -13.37 2.56 -20.76
N ASP B 86 -14.33 2.95 -19.94
CA ASP B 86 -15.22 2.01 -19.23
C ASP B 86 -16.18 1.23 -20.13
N ARG B 87 -16.92 0.30 -19.51
CA ARG B 87 -17.83 -0.57 -20.23
C ARG B 87 -18.91 0.26 -20.97
N ASN B 88 -19.29 1.40 -20.39
CA ASN B 88 -20.28 2.34 -20.94
C ASN B 88 -19.72 3.48 -21.79
N GLY B 89 -18.42 3.40 -22.13
CA GLY B 89 -17.77 4.31 -23.04
C GLY B 89 -17.29 5.63 -22.47
N LYS B 90 -17.53 5.80 -21.11
CA LYS B 90 -16.98 6.94 -20.39
C LYS B 90 -15.51 6.71 -20.11
N GLU B 91 -14.74 7.80 -20.12
CA GLU B 91 -13.38 7.78 -19.57
C GLU B 91 -13.40 7.80 -18.07
N VAL B 92 -12.55 6.95 -17.49
CA VAL B 92 -12.43 6.82 -16.06
C VAL B 92 -10.96 6.67 -15.71
N LEU B 93 -10.52 7.33 -14.63
CA LEU B 93 -9.21 7.11 -14.11
C LEU B 93 -9.30 6.25 -12.85
N LYS B 94 -8.62 5.12 -12.90
CA LYS B 94 -8.60 4.18 -11.74
C LYS B 94 -7.27 4.41 -11.08
N THR B 95 -7.28 4.99 -9.88
CA THR B 95 -6.04 5.29 -9.16
C THR B 95 -5.86 4.67 -7.80
N MET B 96 -4.60 4.58 -7.41
CA MET B 96 -4.19 4.44 -6.00
C MET B 96 -3.24 5.55 -5.59
N TRP B 97 -3.22 5.82 -4.29
CA TRP B 97 -2.39 6.89 -3.75
C TRP B 97 -1.71 6.50 -2.45
N LEU B 98 -0.61 7.24 -2.19
CA LEU B 98 0.08 7.25 -0.95
C LEU B 98 0.12 8.66 -0.44
N LEU B 99 -0.30 8.78 0.78
CA LEU B 99 -0.26 10.05 1.51
C LEU B 99 0.86 9.99 2.63
N ARG B 100 1.87 10.83 2.43
CA ARG B 100 3.03 10.91 3.31
C ARG B 100 2.82 12.08 4.29
N SER B 101 2.61 11.75 5.55
CA SER B 101 2.70 12.74 6.62
C SER B 101 4.13 13.12 6.98
N SER B 102 4.25 14.27 7.61
CA SER B 102 5.49 14.75 8.17
C SER B 102 5.66 14.32 9.62
N VAL B 103 6.79 13.67 9.94
CA VAL B 103 7.13 13.32 11.26
C VAL B 103 8.37 14.06 11.68
N ASN B 104 8.47 14.28 12.99
CA ASN B 104 9.59 15.04 13.52
C ASN B 104 10.86 14.26 13.65
N ASP B 105 10.75 12.95 13.79
CA ASP B 105 11.90 12.10 14.06
C ASP B 105 11.84 10.95 13.11
N ILE B 106 13.00 10.55 12.59
CA ILE B 106 13.14 9.36 11.73
C ILE B 106 12.63 8.10 12.40
N GLY B 107 12.68 8.07 13.73
CA GLY B 107 12.12 6.96 14.54
C GLY B 107 10.65 6.71 14.35
N ASP B 108 9.88 7.74 13.98
CA ASP B 108 8.46 7.64 13.70
C ASP B 108 8.12 7.44 12.19
N ASP B 109 9.11 7.27 11.34
CA ASP B 109 8.88 7.04 9.91
C ASP B 109 7.85 5.94 9.60
N TRP B 110 7.92 4.85 10.37
CA TRP B 110 7.05 3.66 10.17
C TRP B 110 5.55 4.00 10.03
N LYS B 111 5.09 5.06 10.72
CA LYS B 111 3.67 5.33 10.79
C LYS B 111 3.22 6.43 9.87
N ALA B 112 4.13 6.96 9.04
CA ALA B 112 3.86 8.15 8.27
C ALA B 112 3.23 8.01 6.90
N THR B 113 2.91 6.80 6.41
CA THR B 113 2.35 6.67 5.06
C THR B 113 0.97 5.97 5.06
N ARG B 114 -0.02 6.65 4.49
CA ARG B 114 -1.35 6.10 4.33
C ARG B 114 -1.49 5.71 2.81
N VAL B 115 -2.41 4.83 2.54
CA VAL B 115 -2.67 4.30 1.16
C VAL B 115 -4.19 4.28 1.01
N GLY B 116 -4.67 4.49 -0.21
CA GLY B 116 -6.08 4.35 -0.54
C GLY B 116 -6.26 4.34 -2.06
N ILE B 117 -7.53 4.32 -2.50
CA ILE B 117 -7.87 4.33 -3.92
C ILE B 117 -8.69 5.55 -4.21
N ASN B 118 -8.79 5.92 -5.46
CA ASN B 118 -9.81 6.92 -5.92
C ASN B 118 -10.16 6.57 -7.36
N ILE B 119 -11.42 6.72 -7.71
CA ILE B 119 -11.88 6.57 -9.08
C ILE B 119 -12.38 7.93 -9.57
N PHE B 120 -11.85 8.42 -10.71
CA PHE B 120 -12.18 9.76 -11.20
C PHE B 120 -13.02 9.64 -12.51
N THR B 121 -14.07 10.45 -12.60
CA THR B 121 -14.93 10.52 -13.80
C THR B 121 -15.02 11.99 -14.19
N ARG B 122 -15.36 12.23 -15.44
CA ARG B 122 -15.32 13.59 -16.01
C ARG B 122 -16.36 14.47 -15.35
N LEU B 123 -16.03 15.75 -15.14
CA LEU B 123 -16.96 16.70 -14.55
C LEU B 123 -17.56 17.52 -15.67
N ARG C 2 -27.56 -2.74 16.84
CA ARG C 2 -26.64 -1.83 16.10
C ARG C 2 -25.14 -2.16 16.34
N LYS C 3 -24.78 -3.45 16.40
CA LYS C 3 -23.38 -3.88 16.23
C LYS C 3 -23.26 -4.36 14.77
N CYS C 4 -22.19 -3.99 14.06
CA CYS C 4 -21.92 -4.54 12.73
C CYS C 4 -21.23 -5.86 13.05
N SER C 5 -21.85 -6.96 12.64
CA SER C 5 -21.30 -8.28 12.91
C SER C 5 -20.60 -8.81 11.65
N LEU C 6 -19.42 -9.42 11.77
CA LEU C 6 -18.71 -10.04 10.58
C LEU C 6 -19.29 -11.35 10.10
N THR C 7 -19.96 -12.04 11.01
CA THR C 7 -20.41 -13.38 10.75
C THR C 7 -21.41 -13.32 9.62
N GLY C 8 -21.34 -14.27 8.70
CA GLY C 8 -22.39 -14.41 7.71
C GLY C 8 -21.79 -14.50 6.33
N LYS C 9 -22.61 -14.18 5.34
CA LYS C 9 -22.25 -14.37 3.93
C LYS C 9 -22.14 -13.00 3.27
N TRP C 10 -21.12 -12.84 2.47
CA TRP C 10 -20.76 -11.57 1.93
C TRP C 10 -20.32 -11.72 0.49
N THR C 11 -20.53 -10.65 -0.28
CA THR C 11 -20.06 -10.53 -1.65
C THR C 11 -19.31 -9.15 -1.84
N ASN C 12 -18.29 -9.11 -2.69
CA ASN C 12 -17.60 -7.83 -2.92
C ASN C 12 -17.80 -7.26 -4.31
N ASP C 13 -17.18 -6.11 -4.54
CA ASP C 13 -17.27 -5.39 -5.79
C ASP C 13 -16.70 -6.13 -7.04
N LEU C 14 -15.83 -7.14 -6.83
CA LEU C 14 -15.32 -7.92 -7.98
C LEU C 14 -16.18 -9.19 -8.24
N GLY C 15 -17.12 -9.52 -7.35
CA GLY C 15 -17.96 -10.74 -7.53
C GLY C 15 -17.55 -11.89 -6.63
N SER C 16 -16.46 -11.73 -5.89
CA SER C 16 -16.03 -12.80 -4.96
C SER C 16 -17.01 -12.93 -3.79
N ASN C 17 -17.16 -14.14 -3.27
CA ASN C 17 -17.99 -14.38 -2.14
C ASN C 17 -17.19 -14.91 -1.00
N MET C 18 -17.63 -14.57 0.21
CA MET C 18 -17.02 -15.17 1.41
C MET C 18 -18.04 -15.54 2.46
N THR C 19 -17.66 -16.47 3.31
CA THR C 19 -18.50 -16.85 4.44
C THR C 19 -17.62 -16.66 5.62
N ILE C 20 -18.21 -16.15 6.70
CA ILE C 20 -17.51 -16.05 8.00
C ILE C 20 -18.42 -16.65 9.07
N GLY C 21 -17.85 -17.50 9.91
CA GLY C 21 -18.61 -18.11 10.97
C GLY C 21 -18.59 -17.27 12.24
N ALA C 22 -19.04 -17.90 13.31
CA ALA C 22 -19.11 -17.34 14.66
C ALA C 22 -17.75 -16.82 15.14
N VAL C 23 -17.80 -15.64 15.74
CA VAL C 23 -16.63 -15.05 16.35
C VAL C 23 -16.54 -15.59 17.77
N ASN C 24 -15.43 -16.23 18.11
CA ASN C 24 -15.32 -16.89 19.42
C ASN C 24 -14.87 -15.97 20.53
N SER C 25 -14.71 -16.58 21.69
CA SER C 25 -14.13 -16.02 22.91
C SER C 25 -12.88 -15.13 22.79
N ARG C 26 -12.05 -15.31 21.79
CA ARG C 26 -10.82 -14.50 21.69
C ARG C 26 -10.89 -13.53 20.48
N GLY C 27 -12.11 -13.30 19.95
CA GLY C 27 -12.33 -12.47 18.75
C GLY C 27 -12.00 -13.15 17.41
N GLU C 28 -11.68 -14.44 17.45
CA GLU C 28 -11.21 -15.21 16.32
C GLU C 28 -12.36 -15.77 15.49
N PHE C 29 -12.16 -15.83 14.17
CA PHE C 29 -13.13 -16.40 13.29
C PHE C 29 -12.46 -17.17 12.17
N THR C 30 -13.21 -18.08 11.57
CA THR C 30 -12.78 -18.82 10.39
C THR C 30 -13.83 -18.62 9.31
N GLY C 31 -13.44 -18.90 8.08
CA GLY C 31 -14.34 -18.72 6.98
C GLY C 31 -13.87 -19.33 5.69
N THR C 32 -14.61 -19.02 4.64
CA THR C 32 -14.25 -19.50 3.32
C THR C 32 -14.24 -18.33 2.31
N TYR C 33 -13.44 -18.47 1.25
CA TYR C 33 -13.28 -17.39 0.25
C TYR C 33 -13.28 -17.97 -1.14
N THR C 34 -14.17 -17.47 -1.99
CA THR C 34 -14.29 -17.90 -3.37
C THR C 34 -14.16 -16.60 -4.23
N THR C 35 -13.01 -16.45 -4.83
CA THR C 35 -12.68 -15.27 -5.59
C THR C 35 -13.31 -15.33 -6.96
N ALA C 36 -13.70 -14.18 -7.51
CA ALA C 36 -14.29 -14.19 -8.84
C ALA C 36 -13.23 -13.92 -9.86
N VAL C 37 -12.00 -13.60 -9.41
CA VAL C 37 -10.93 -13.19 -10.31
C VAL C 37 -9.64 -13.88 -9.84
N THR C 38 -8.89 -14.35 -10.83
CA THR C 38 -7.55 -14.87 -10.69
C THR C 38 -6.77 -14.37 -11.92
N ALA C 39 -5.58 -14.91 -12.17
CA ALA C 39 -4.80 -14.54 -13.35
C ALA C 39 -3.80 -15.58 -13.89
N THR C 40 -3.94 -16.87 -13.55
CA THR C 40 -3.10 -17.94 -14.16
C THR C 40 -4.04 -19.15 -14.42
N SER C 41 -3.67 -20.05 -15.34
CA SER C 41 -4.49 -21.26 -15.66
C SER C 41 -4.90 -22.10 -14.43
N ASN C 42 -4.27 -21.85 -13.27
CA ASN C 42 -4.77 -22.23 -11.93
C ASN C 42 -6.29 -21.89 -11.85
N GLU C 43 -7.11 -22.93 -11.66
CA GLU C 43 -8.57 -22.71 -11.64
C GLU C 43 -8.94 -22.47 -10.17
N ILE C 44 -9.74 -21.44 -10.01
CA ILE C 44 -10.25 -21.00 -8.73
C ILE C 44 -10.89 -22.13 -7.96
N LYS C 45 -10.60 -22.14 -6.65
CA LYS C 45 -11.29 -23.00 -5.69
C LYS C 45 -11.46 -22.28 -4.39
N GLU C 46 -12.50 -22.68 -3.66
CA GLU C 46 -12.79 -22.10 -2.34
C GLU C 46 -11.59 -22.37 -1.46
N SER C 47 -11.20 -21.36 -0.72
CA SER C 47 -10.00 -21.40 0.10
C SER C 47 -10.42 -20.94 1.52
N PRO C 48 -9.78 -21.50 2.57
CA PRO C 48 -10.10 -21.02 3.92
C PRO C 48 -9.51 -19.67 4.29
N LEU C 49 -10.14 -18.99 5.27
CA LEU C 49 -9.57 -17.78 5.84
C LEU C 49 -9.65 -17.92 7.36
N HIS C 50 -8.74 -17.22 8.04
CA HIS C 50 -8.66 -17.19 9.47
C HIS C 50 -8.41 -15.75 9.86
N GLY C 51 -9.11 -15.27 10.87
CA GLY C 51 -8.90 -13.88 11.23
C GLY C 51 -9.40 -13.51 12.58
N THR C 52 -9.26 -12.24 12.86
CA THR C 52 -9.71 -11.73 14.17
C THR C 52 -10.44 -10.41 14.03
N GLN C 53 -11.37 -10.14 14.93
CA GLN C 53 -11.94 -8.81 15.01
C GLN C 53 -11.56 -8.19 16.36
N ASN C 54 -11.39 -6.88 16.31
CA ASN C 54 -10.92 -6.15 17.46
C ASN C 54 -12.17 -5.76 18.27
N THR C 55 -12.19 -6.22 19.50
CA THR C 55 -13.31 -6.09 20.35
C THR C 55 -12.97 -5.08 21.45
N ILE C 56 -11.96 -4.22 21.21
CA ILE C 56 -11.53 -3.26 22.25
C ILE C 56 -12.58 -2.19 22.30
N ASN C 57 -13.09 -1.97 23.49
CA ASN C 57 -14.06 -0.95 23.79
C ASN C 57 -15.50 -1.26 23.31
N LYS C 58 -15.81 -2.55 23.07
CA LYS C 58 -17.18 -2.99 22.67
C LYS C 58 -17.56 -2.13 21.48
N ARG C 59 -16.61 -2.06 20.55
CA ARG C 59 -16.75 -1.14 19.49
C ARG C 59 -17.90 -1.61 18.58
N THR C 60 -18.94 -0.79 18.39
CA THR C 60 -20.06 -1.14 17.49
C THR C 60 -19.62 -1.30 15.99
N GLN C 61 -18.49 -0.68 15.59
CA GLN C 61 -18.00 -0.80 14.21
C GLN C 61 -16.55 -1.29 14.32
N PRO C 62 -16.35 -2.58 14.63
CA PRO C 62 -14.98 -3.06 14.93
C PRO C 62 -14.05 -3.09 13.74
N THR C 63 -12.73 -2.94 13.99
CA THR C 63 -11.75 -3.32 12.93
C THR C 63 -11.47 -4.81 12.94
N PHE C 64 -10.98 -5.30 11.81
CA PHE C 64 -10.70 -6.68 11.74
C PHE C 64 -9.62 -6.98 10.71
N GLY C 65 -9.08 -8.17 10.77
CA GLY C 65 -8.23 -8.63 9.64
C GLY C 65 -8.37 -10.11 9.47
N PHE C 66 -8.02 -10.57 8.30
CA PHE C 66 -7.91 -12.00 8.04
C PHE C 66 -6.97 -12.31 6.91
N THR C 67 -6.51 -13.55 6.92
CA THR C 67 -5.62 -14.09 5.91
C THR C 67 -6.33 -15.13 5.12
N VAL C 68 -6.21 -15.03 3.81
CA VAL C 68 -6.67 -16.07 2.88
C VAL C 68 -5.52 -16.99 2.43
N ASN C 69 -5.69 -18.30 2.71
CA ASN C 69 -4.74 -19.33 2.43
C ASN C 69 -5.09 -20.05 1.14
N TRP C 70 -4.75 -19.46 0.01
CA TRP C 70 -5.26 -19.92 -1.30
C TRP C 70 -4.86 -21.39 -1.56
N LYS C 71 -5.84 -22.21 -1.92
CA LYS C 71 -5.55 -23.62 -2.14
C LYS C 71 -5.30 -23.89 -3.63
N PHE C 72 -5.23 -22.82 -4.44
CA PHE C 72 -4.88 -22.95 -5.85
C PHE C 72 -3.68 -22.10 -6.35
N SER C 73 -2.91 -21.57 -5.39
CA SER C 73 -1.87 -20.59 -5.65
C SER C 73 -0.82 -20.72 -4.55
N GLU C 74 0.41 -20.34 -4.83
CA GLU C 74 1.43 -20.30 -3.81
C GLU C 74 1.36 -18.98 -3.03
N SER C 75 0.53 -18.07 -3.52
CA SER C 75 0.42 -16.75 -2.92
C SER C 75 -0.46 -16.74 -1.65
N THR C 76 -0.42 -15.62 -0.91
CA THR C 76 -1.22 -15.32 0.24
C THR C 76 -1.78 -13.94 0.06
N THR C 77 -3.06 -13.74 0.43
CA THR C 77 -3.66 -12.39 0.68
C THR C 77 -4.08 -12.12 2.14
N VAL C 78 -3.81 -10.93 2.60
CA VAL C 78 -4.35 -10.47 3.87
C VAL C 78 -5.28 -9.32 3.54
N PHE C 79 -6.35 -9.20 4.35
CA PHE C 79 -7.36 -8.16 4.24
C PHE C 79 -7.51 -7.51 5.65
N THR C 80 -7.70 -6.20 5.69
CA THR C 80 -7.97 -5.52 6.96
C THR C 80 -8.92 -4.44 6.67
N GLY C 81 -9.89 -4.24 7.61
CA GLY C 81 -10.82 -3.18 7.45
C GLY C 81 -11.68 -2.99 8.67
N GLN C 82 -12.83 -2.40 8.40
CA GLN C 82 -13.84 -2.01 9.38
C GLN C 82 -15.26 -2.26 8.85
N CYS C 83 -16.10 -2.68 9.79
CA CYS C 83 -17.46 -3.08 9.56
C CYS C 83 -18.25 -1.83 9.93
N PHE C 84 -18.94 -1.22 8.96
CA PHE C 84 -19.75 -0.06 9.20
C PHE C 84 -21.23 -0.33 9.05
N ILE C 85 -22.02 0.48 9.77
CA ILE C 85 -23.44 0.61 9.57
C ILE C 85 -23.67 1.90 8.78
N ASP C 86 -23.66 1.81 7.45
CA ASP C 86 -23.84 2.98 6.56
C ASP C 86 -25.23 3.67 6.68
N ARG C 87 -25.40 4.75 5.90
CA ARG C 87 -26.57 5.65 5.98
C ARG C 87 -27.95 4.94 6.10
N ASN C 88 -28.10 3.77 5.48
CA ASN C 88 -29.42 3.09 5.40
C ASN C 88 -29.66 2.01 6.47
N GLY C 89 -28.86 2.03 7.54
CA GLY C 89 -28.87 0.95 8.53
C GLY C 89 -28.23 -0.32 7.99
N LYS C 90 -27.52 -0.20 6.87
CA LYS C 90 -27.01 -1.36 6.12
C LYS C 90 -25.52 -1.60 6.44
N GLU C 91 -25.09 -2.85 6.41
CA GLU C 91 -23.72 -3.22 6.79
C GLU C 91 -22.77 -3.23 5.60
N VAL C 92 -21.62 -2.61 5.77
CA VAL C 92 -20.58 -2.64 4.75
C VAL C 92 -19.26 -2.96 5.43
N LEU C 93 -18.48 -3.83 4.81
CA LEU C 93 -17.08 -4.02 5.17
C LEU C 93 -16.25 -3.24 4.15
N LYS C 94 -15.52 -2.26 4.63
CA LYS C 94 -14.57 -1.53 3.79
C LYS C 94 -13.18 -2.05 4.16
N THR C 95 -12.52 -2.69 3.20
CA THR C 95 -11.24 -3.35 3.41
C THR C 95 -10.16 -2.90 2.39
N MET C 96 -8.90 -3.08 2.76
CA MET C 96 -7.79 -3.09 1.84
C MET C 96 -7.03 -4.40 2.06
N TRP C 97 -6.28 -4.77 1.03
CA TRP C 97 -5.57 -6.06 0.99
C TRP C 97 -4.14 -5.92 0.48
N LEU C 98 -3.25 -6.84 0.90
CA LEU C 98 -1.96 -7.09 0.34
C LEU C 98 -1.94 -8.54 -0.16
N LEU C 99 -1.60 -8.72 -1.45
CA LEU C 99 -1.46 -10.06 -2.08
C LEU C 99 0.03 -10.29 -2.30
N ARG C 100 0.54 -11.25 -1.55
CA ARG C 100 2.00 -11.60 -1.66
C ARG C 100 2.19 -12.74 -2.61
N SER C 101 2.91 -12.51 -3.70
CA SER C 101 3.33 -13.59 -4.56
C SER C 101 4.64 -14.32 -4.06
N SER C 102 4.89 -15.53 -4.54
CA SER C 102 6.11 -16.28 -4.22
C SER C 102 7.20 -15.91 -5.22
N VAL C 103 8.36 -15.47 -4.76
CA VAL C 103 9.49 -15.32 -5.75
C VAL C 103 10.59 -16.29 -5.37
N ASN C 104 11.43 -16.59 -6.35
CA ASN C 104 12.39 -17.64 -6.22
C ASN C 104 13.63 -17.19 -5.45
N ASP C 105 14.01 -15.92 -5.57
CA ASP C 105 15.23 -15.38 -4.97
C ASP C 105 14.88 -14.14 -4.16
N ILE C 106 15.57 -13.94 -3.06
CA ILE C 106 15.35 -12.76 -2.22
C ILE C 106 15.62 -11.44 -2.93
N GLY C 107 16.51 -11.45 -3.92
CA GLY C 107 16.72 -10.26 -4.81
C GLY C 107 15.45 -9.80 -5.57
N ASP C 108 14.46 -10.66 -5.74
CA ASP C 108 13.15 -10.34 -6.42
C ASP C 108 12.01 -9.93 -5.46
N ASP C 109 12.31 -9.88 -4.20
CA ASP C 109 11.34 -9.55 -3.22
C ASP C 109 10.62 -8.25 -3.57
N TRP C 110 11.40 -7.24 -4.00
CA TRP C 110 10.80 -5.94 -4.32
C TRP C 110 9.49 -5.94 -5.07
N LYS C 111 9.32 -6.86 -6.03
CA LYS C 111 8.16 -6.91 -6.90
C LYS C 111 7.01 -7.83 -6.43
N ALA C 112 7.15 -8.44 -5.28
CA ALA C 112 6.25 -9.52 -4.87
C ALA C 112 4.89 -9.16 -4.27
N THR C 113 4.61 -7.88 -3.99
CA THR C 113 3.44 -7.52 -3.24
C THR C 113 2.54 -6.50 -3.89
N ARG C 114 1.32 -6.93 -4.16
CA ARG C 114 0.28 -6.08 -4.73
C ARG C 114 -0.65 -5.56 -3.66
N VAL C 115 -1.36 -4.49 -3.97
CA VAL C 115 -2.23 -3.82 -3.00
C VAL C 115 -3.54 -3.44 -3.73
N GLY C 116 -4.63 -3.43 -2.98
CA GLY C 116 -5.97 -3.04 -3.48
C GLY C 116 -6.96 -2.93 -2.36
N ILE C 117 -8.20 -2.68 -2.78
CA ILE C 117 -9.28 -2.47 -1.89
C ILE C 117 -10.40 -3.47 -2.22
N ASN C 118 -11.26 -3.70 -1.25
CA ASN C 118 -12.59 -4.38 -1.52
C ASN C 118 -13.65 -3.90 -0.57
N ILE C 119 -14.85 -3.77 -1.12
CA ILE C 119 -16.00 -3.41 -0.31
C ILE C 119 -16.95 -4.60 -0.36
N PHE C 120 -17.32 -5.09 0.82
CA PHE C 120 -18.23 -6.20 0.95
C PHE C 120 -19.58 -5.76 1.44
N THR C 121 -20.61 -6.41 0.90
CA THR C 121 -21.97 -6.26 1.37
C THR C 121 -22.63 -7.62 1.47
N ARG C 122 -23.70 -7.65 2.25
CA ARG C 122 -24.30 -8.94 2.62
C ARG C 122 -25.02 -9.59 1.46
N LEU C 123 -24.99 -10.91 1.48
CA LEU C 123 -25.42 -11.74 0.38
C LEU C 123 -26.67 -12.48 0.82
N ARG D 2 17.46 -25.59 2.35
CA ARG D 2 16.63 -26.14 3.47
C ARG D 2 15.27 -25.42 3.54
N LYS D 3 14.37 -25.95 4.35
CA LYS D 3 13.05 -25.38 4.53
C LYS D 3 13.15 -24.19 5.49
N CYS D 4 12.49 -23.09 5.15
CA CYS D 4 12.46 -21.89 5.98
C CYS D 4 11.18 -22.01 6.81
N SER D 5 11.31 -22.23 8.12
CA SER D 5 10.11 -22.39 8.99
C SER D 5 9.79 -21.15 9.78
N LEU D 6 8.49 -20.92 10.00
CA LEU D 6 7.99 -19.78 10.72
C LEU D 6 8.16 -19.97 12.18
N THR D 7 8.19 -21.23 12.63
CA THR D 7 8.06 -21.45 14.05
C THR D 7 9.26 -20.86 14.79
N GLY D 8 8.98 -20.20 15.90
CA GLY D 8 10.04 -19.70 16.75
C GLY D 8 9.91 -18.23 17.13
N LYS D 9 11.02 -17.66 17.60
CA LYS D 9 11.03 -16.32 18.12
C LYS D 9 11.80 -15.43 17.18
N TRP D 10 11.21 -14.26 16.87
CA TRP D 10 11.71 -13.38 15.86
C TRP D 10 11.74 -11.92 16.40
N THR D 11 12.65 -11.09 15.84
CA THR D 11 12.78 -9.64 16.14
C THR D 11 12.80 -8.90 14.76
N ASN D 12 12.18 -7.74 14.67
CA ASN D 12 12.23 -6.98 13.44
C ASN D 12 13.00 -5.70 13.55
N ASP D 13 13.19 -5.08 12.38
CA ASP D 13 13.95 -3.83 12.24
C ASP D 13 13.56 -2.68 13.16
N LEU D 14 12.34 -2.68 13.69
CA LEU D 14 11.87 -1.70 14.66
C LEU D 14 12.15 -2.11 16.12
N GLY D 15 12.64 -3.34 16.33
CA GLY D 15 12.84 -3.94 17.70
C GLY D 15 11.66 -4.71 18.32
N SER D 16 10.56 -4.84 17.55
CA SER D 16 9.43 -5.65 17.99
C SER D 16 9.84 -7.13 18.01
N ASN D 17 9.14 -7.89 18.84
CA ASN D 17 9.31 -9.33 18.96
C ASN D 17 8.06 -10.03 18.55
N MET D 18 8.17 -11.22 17.97
CA MET D 18 7.05 -12.15 17.97
C MET D 18 7.43 -13.64 18.17
N THR D 19 6.51 -14.40 18.73
CA THR D 19 6.70 -15.82 18.80
C THR D 19 5.61 -16.54 18.02
N ILE D 20 6.04 -17.43 17.12
CA ILE D 20 5.10 -18.23 16.34
C ILE D 20 5.29 -19.65 16.89
N GLY D 21 4.17 -20.34 17.05
CA GLY D 21 4.15 -21.70 17.44
C GLY D 21 4.24 -22.65 16.26
N ALA D 22 3.92 -23.91 16.57
CA ALA D 22 3.82 -24.99 15.60
C ALA D 22 2.90 -24.55 14.45
N VAL D 23 3.36 -24.81 13.25
CA VAL D 23 2.53 -24.79 12.09
C VAL D 23 1.93 -26.20 11.87
N ASN D 24 0.60 -26.31 11.87
CA ASN D 24 -0.07 -27.59 11.61
C ASN D 24 -0.14 -27.98 10.12
N SER D 25 -0.82 -29.11 9.85
CA SER D 25 -0.94 -29.71 8.50
C SER D 25 -1.62 -28.78 7.51
N ARG D 26 -2.53 -27.95 7.98
CA ARG D 26 -3.19 -27.00 7.09
C ARG D 26 -2.43 -25.68 6.95
N GLY D 27 -1.30 -25.50 7.65
CA GLY D 27 -0.54 -24.25 7.59
C GLY D 27 -0.89 -23.20 8.66
N GLU D 28 -1.83 -23.54 9.55
CA GLU D 28 -2.34 -22.62 10.56
C GLU D 28 -1.38 -22.52 11.75
N PHE D 29 -1.19 -21.29 12.22
CA PHE D 29 -0.35 -21.02 13.38
C PHE D 29 -0.96 -19.89 14.18
N THR D 30 -0.62 -19.93 15.49
CA THR D 30 -0.91 -18.82 16.39
C THR D 30 0.36 -18.36 17.00
N GLY D 31 0.28 -17.26 17.72
CA GLY D 31 1.48 -16.70 18.31
C GLY D 31 1.20 -15.49 19.14
N THR D 32 2.29 -14.82 19.56
CA THR D 32 2.23 -13.56 20.33
C THR D 32 3.14 -12.48 19.72
N TYR D 33 2.73 -11.23 19.87
CA TYR D 33 3.43 -10.09 19.25
C TYR D 33 3.63 -9.01 20.29
N THR D 34 4.88 -8.61 20.44
CA THR D 34 5.21 -7.48 21.24
C THR D 34 5.90 -6.36 20.44
N THR D 35 5.11 -5.31 20.17
CA THR D 35 5.58 -4.16 19.38
C THR D 35 6.47 -3.27 20.18
N ALA D 36 7.53 -2.77 19.58
CA ALA D 36 8.41 -1.83 20.29
C ALA D 36 7.98 -0.37 20.09
N VAL D 37 7.11 -0.13 19.11
CA VAL D 37 6.65 1.20 18.77
C VAL D 37 5.15 1.25 18.87
N THR D 38 4.67 2.41 19.32
CA THR D 38 3.27 2.75 19.26
C THR D 38 3.10 4.28 19.14
N ALA D 39 1.85 4.76 19.16
CA ALA D 39 1.50 6.19 19.13
C ALA D 39 0.34 6.59 20.05
N THR D 40 -0.08 5.66 20.89
CA THR D 40 -1.16 5.85 21.81
C THR D 40 -0.51 6.27 23.11
N SER D 41 -1.30 6.93 23.94
CA SER D 41 -1.01 7.07 25.36
C SER D 41 -1.11 5.71 26.08
N ASN D 42 -1.84 4.77 25.46
CA ASN D 42 -1.92 3.39 25.91
C ASN D 42 -0.60 2.62 25.94
N GLU D 43 -0.37 1.99 27.11
CA GLU D 43 0.64 0.99 27.35
C GLU D 43 0.51 -0.15 26.33
N ILE D 44 1.61 -0.39 25.62
CA ILE D 44 1.79 -1.57 24.82
C ILE D 44 1.58 -2.81 25.71
N LYS D 45 0.88 -3.79 25.18
CA LYS D 45 0.65 -5.08 25.82
C LYS D 45 0.90 -6.12 24.73
N GLU D 46 1.61 -7.19 25.08
CA GLU D 46 1.72 -8.35 24.17
C GLU D 46 0.33 -8.65 23.63
N SER D 47 0.21 -8.91 22.32
CA SER D 47 -1.07 -9.19 21.68
C SER D 47 -1.03 -10.49 20.85
N PRO D 48 -2.20 -11.17 20.74
CA PRO D 48 -2.21 -12.41 19.99
C PRO D 48 -2.07 -12.20 18.50
N LEU D 49 -1.43 -13.15 17.84
CA LEU D 49 -1.44 -13.22 16.39
C LEU D 49 -1.93 -14.62 15.95
N HIS D 50 -2.50 -14.66 14.74
CA HIS D 50 -2.97 -15.86 14.09
C HIS D 50 -2.89 -15.69 12.62
N GLY D 51 -2.50 -16.76 11.97
CA GLY D 51 -2.19 -16.72 10.57
C GLY D 51 -2.02 -18.07 9.94
N THR D 52 -1.54 -18.08 8.71
CA THR D 52 -1.33 -19.30 7.93
C THR D 52 -0.22 -19.17 6.98
N GLN D 53 0.41 -20.31 6.68
CA GLN D 53 1.42 -20.26 5.68
C GLN D 53 0.90 -21.12 4.52
N ASN D 54 1.26 -20.71 3.31
CA ASN D 54 0.79 -21.36 2.13
C ASN D 54 1.57 -22.71 1.96
N THR D 55 0.83 -23.79 1.71
CA THR D 55 1.43 -25.12 1.61
C THR D 55 1.37 -25.64 0.18
N ILE D 56 0.92 -24.84 -0.79
CA ILE D 56 0.84 -25.33 -2.18
C ILE D 56 2.27 -25.56 -2.70
N ASN D 57 2.49 -26.73 -3.22
CA ASN D 57 3.82 -27.22 -3.56
C ASN D 57 4.89 -27.24 -2.47
N LYS D 58 4.47 -27.13 -1.19
CA LYS D 58 5.34 -27.31 -0.02
C LYS D 58 6.69 -26.63 -0.31
N ARG D 59 6.60 -25.34 -0.61
CA ARG D 59 7.75 -24.56 -1.04
C ARG D 59 8.69 -24.35 0.12
N THR D 60 9.99 -24.33 -0.18
CA THR D 60 11.02 -24.25 0.84
C THR D 60 10.98 -22.86 1.47
N GLN D 61 10.53 -21.86 0.69
CA GLN D 61 10.42 -20.48 1.14
C GLN D 61 8.98 -20.06 0.92
N PRO D 62 8.06 -20.50 1.81
CA PRO D 62 6.62 -20.29 1.62
C PRO D 62 6.13 -18.84 1.89
N THR D 63 5.02 -18.44 1.25
CA THR D 63 4.36 -17.23 1.62
C THR D 63 3.52 -17.48 2.85
N PHE D 64 3.19 -16.38 3.52
CA PHE D 64 2.34 -16.46 4.68
C PHE D 64 1.67 -15.15 4.96
N GLY D 65 0.72 -15.20 5.86
CA GLY D 65 0.14 -13.98 6.49
C GLY D 65 -0.43 -14.20 7.85
N PHE D 66 -0.60 -13.12 8.57
CA PHE D 66 -1.14 -13.15 9.90
C PHE D 66 -1.66 -11.78 10.32
N THR D 67 -2.62 -11.87 11.26
CA THR D 67 -3.36 -10.77 11.79
C THR D 67 -2.96 -10.60 13.22
N VAL D 68 -2.58 -9.39 13.63
CA VAL D 68 -2.34 -9.07 15.04
C VAL D 68 -3.55 -8.29 15.58
N ASN D 69 -4.14 -8.87 16.65
CA ASN D 69 -5.33 -8.37 17.26
C ASN D 69 -4.89 -7.63 18.50
N TRP D 70 -4.59 -6.33 18.34
CA TRP D 70 -3.98 -5.51 19.39
C TRP D 70 -4.89 -5.40 20.63
N LYS D 71 -4.31 -5.63 21.78
CA LYS D 71 -5.12 -5.63 22.99
C LYS D 71 -5.09 -4.31 23.76
N PHE D 72 -4.36 -3.31 23.24
CA PHE D 72 -4.34 -1.91 23.77
C PHE D 72 -4.77 -0.81 22.80
N SER D 73 -5.18 -1.16 21.58
CA SER D 73 -5.62 -0.18 20.58
C SER D 73 -6.82 -0.80 19.86
N GLU D 74 -7.68 0.03 19.25
CA GLU D 74 -8.87 -0.48 18.53
C GLU D 74 -8.51 -0.87 17.08
N SER D 75 -7.25 -0.67 16.74
CA SER D 75 -6.72 -1.03 15.43
C SER D 75 -6.43 -2.50 15.26
N THR D 76 -6.16 -2.89 13.99
CA THR D 76 -5.71 -4.24 13.63
C THR D 76 -4.59 -4.06 12.60
N THR D 77 -3.54 -4.87 12.71
CA THR D 77 -2.51 -5.00 11.65
C THR D 77 -2.53 -6.37 11.04
N VAL D 78 -2.32 -6.40 9.74
CA VAL D 78 -2.09 -7.65 8.99
C VAL D 78 -0.71 -7.57 8.32
N PHE D 79 0.04 -8.69 8.36
CA PHE D 79 1.39 -8.84 7.82
C PHE D 79 1.27 -9.92 6.76
N THR D 80 1.88 -9.71 5.61
CA THR D 80 2.07 -10.78 4.57
C THR D 80 3.51 -10.77 4.02
N GLY D 81 4.01 -11.95 3.60
CA GLY D 81 5.44 -12.12 3.46
C GLY D 81 5.86 -13.43 2.91
N GLN D 82 7.21 -13.58 2.84
CA GLN D 82 7.82 -14.83 2.49
C GLN D 82 9.04 -15.05 3.35
N CYS D 83 9.27 -16.32 3.69
CA CYS D 83 10.40 -16.69 4.53
C CYS D 83 11.53 -17.04 3.53
N PHE D 84 12.69 -16.39 3.57
CA PHE D 84 13.82 -16.78 2.75
C PHE D 84 15.00 -17.20 3.59
N ILE D 85 15.85 -17.99 2.97
CA ILE D 85 17.18 -18.20 3.47
C ILE D 85 17.94 -17.06 2.83
N ASP D 86 18.47 -16.17 3.65
CA ASP D 86 19.36 -15.09 3.13
C ASP D 86 20.75 -15.51 2.56
N ARG D 87 21.52 -14.52 2.05
CA ARG D 87 22.81 -14.82 1.43
C ARG D 87 23.79 -15.38 2.49
N ASN D 88 23.57 -15.04 3.77
CA ASN D 88 24.47 -15.50 4.81
C ASN D 88 23.99 -16.78 5.50
N GLY D 89 22.94 -17.42 4.96
CA GLY D 89 22.46 -18.73 5.46
C GLY D 89 21.35 -18.63 6.52
N LYS D 90 21.13 -17.35 6.92
CA LYS D 90 20.13 -17.03 7.93
C LYS D 90 18.71 -17.05 7.39
N GLU D 91 17.76 -17.45 8.23
CA GLU D 91 16.35 -17.27 7.87
C GLU D 91 15.92 -15.83 8.16
N VAL D 92 15.16 -15.32 7.17
CA VAL D 92 14.65 -13.94 7.19
C VAL D 92 13.18 -13.93 6.67
N LEU D 93 12.32 -13.22 7.36
CA LEU D 93 10.98 -12.94 6.91
C LEU D 93 10.91 -11.50 6.33
N LYS D 94 10.57 -11.39 5.05
CA LYS D 94 10.44 -10.12 4.39
C LYS D 94 8.96 -9.93 4.33
N THR D 95 8.45 -8.86 4.94
CA THR D 95 7.02 -8.65 5.03
C THR D 95 6.63 -7.21 4.72
N MET D 96 5.34 -7.06 4.41
CA MET D 96 4.62 -5.79 4.38
C MET D 96 3.36 -5.89 5.19
N TRP D 97 2.94 -4.74 5.72
CA TRP D 97 1.79 -4.69 6.59
C TRP D 97 0.80 -3.58 6.23
N LEU D 98 -0.48 -3.85 6.55
CA LEU D 98 -1.51 -2.78 6.65
C LEU D 98 -1.96 -2.62 8.09
N LEU D 99 -2.04 -1.38 8.52
CA LEU D 99 -2.48 -1.06 9.83
C LEU D 99 -3.78 -0.27 9.68
N ARG D 100 -4.86 -0.91 10.08
CA ARG D 100 -6.22 -0.32 10.02
C ARG D 100 -6.57 0.34 11.34
N SER D 101 -6.75 1.66 11.31
CA SER D 101 -7.29 2.38 12.50
C SER D 101 -8.82 2.36 12.47
N SER D 102 -9.43 2.52 13.64
CA SER D 102 -10.85 2.71 13.78
C SER D 102 -11.23 4.19 13.53
N VAL D 103 -12.21 4.38 12.66
CA VAL D 103 -12.86 5.65 12.47
C VAL D 103 -14.35 5.55 12.77
N ASN D 104 -14.92 6.70 13.10
CA ASN D 104 -16.26 6.80 13.63
C ASN D 104 -17.31 6.72 12.53
N ASP D 105 -17.04 7.37 11.41
CA ASP D 105 -18.01 7.55 10.32
C ASP D 105 -17.39 6.84 9.12
N ILE D 106 -18.19 6.20 8.25
CA ILE D 106 -17.73 5.71 6.93
C ILE D 106 -17.09 6.81 6.05
N GLY D 107 -17.55 8.05 6.21
CA GLY D 107 -17.03 9.23 5.50
C GLY D 107 -15.54 9.48 5.69
N ASP D 108 -14.97 8.98 6.81
CA ASP D 108 -13.54 9.02 7.17
C ASP D 108 -12.71 7.76 6.85
N ASP D 109 -13.33 6.78 6.22
CA ASP D 109 -12.68 5.54 5.89
C ASP D 109 -11.36 5.72 5.10
N TRP D 110 -11.36 6.70 4.20
CA TRP D 110 -10.24 6.97 3.29
C TRP D 110 -8.91 7.16 4.00
N LYS D 111 -8.95 7.70 5.25
CA LYS D 111 -7.76 8.05 6.00
C LYS D 111 -7.27 6.98 6.96
N ALA D 112 -7.91 5.81 6.94
CA ALA D 112 -7.80 4.87 8.04
C ALA D 112 -6.73 3.79 7.92
N THR D 113 -6.01 3.69 6.79
CA THR D 113 -5.13 2.57 6.58
C THR D 113 -3.69 3.07 6.25
N ARG D 114 -2.74 2.64 7.08
CA ARG D 114 -1.34 2.89 6.89
C ARG D 114 -0.69 1.63 6.30
N VAL D 115 0.47 1.80 5.69
CA VAL D 115 1.21 0.70 5.03
C VAL D 115 2.68 0.85 5.38
N GLY D 116 3.39 -0.28 5.49
CA GLY D 116 4.82 -0.28 5.71
C GLY D 116 5.41 -1.69 5.57
N ILE D 117 6.69 -1.79 5.91
CA ILE D 117 7.41 -3.04 5.77
C ILE D 117 7.97 -3.46 7.08
N ASN D 118 8.36 -4.72 7.21
CA ASN D 118 9.25 -5.16 8.30
C ASN D 118 10.07 -6.34 7.82
N ILE D 119 11.31 -6.43 8.29
CA ILE D 119 12.19 -7.57 8.08
C ILE D 119 12.39 -8.22 9.42
N PHE D 120 12.14 -9.53 9.52
CA PHE D 120 12.29 -10.21 10.78
C PHE D 120 13.47 -11.18 10.74
N THR D 121 14.15 -11.32 11.86
CA THR D 121 15.29 -12.24 11.96
C THR D 121 15.13 -13.01 13.26
N ARG D 122 15.71 -14.22 13.30
CA ARG D 122 15.51 -15.12 14.46
C ARG D 122 16.25 -14.58 15.69
N LEU D 123 15.60 -14.67 16.84
CA LEU D 123 16.13 -14.13 18.09
C LEU D 123 16.90 -15.17 18.90
#